data_8IX3
#
_entry.id   8IX3
#
_cell.length_a   1.00
_cell.length_b   1.00
_cell.length_c   1.00
_cell.angle_alpha   90.00
_cell.angle_beta   90.00
_cell.angle_gamma   90.00
#
_symmetry.space_group_name_H-M   'P 1'
#
loop_
_entity.id
_entity.type
_entity.pdbx_description
1 polymer 'light chain of 1G11'
2 polymer 'heavy chain of 1G11'
3 polymer 'BA.4/5 variant spike protein'
#
loop_
_entity_poly.entity_id
_entity_poly.type
_entity_poly.pdbx_seq_one_letter_code
_entity_poly.pdbx_strand_id
1 'polypeptide(L)'
;DIQLTQSPSFLSASVGDRVTITCRASQGIDKYLAWYQQKPGQAPKVLIYAASTLHSGVPSRFSGSGSGTDFTLTISSLQP
EDFATYYCQQLYTFPVTFGPGTKVDVR
;
L
2 'polypeptide(L)'
;EVQLVESGGGLVQPGRSLRLSCAASGFKFDDYAMHWVRQAPGKGLEWVSGTSWNSGTTGYADSVRGRFTISRDNAKKSLY
LQMNSLGVEDTAFYYCVKDSNYDSSGYLINNFDYWGQGILVTVSS
;
H
3 'polypeptide(L)'
;TNLCPFDEVFNATRFASVYAWNRKRISNCVADYSVLYNFAPFFAFKCYGVSPTKLNDLCFTNVYADSFVIRGNEVSQIAP
GQTGNIADYNYKLPDDFTGCVIAWNSNKLDSKVGGNYNYRYRLFRKSNLKPFERDISTEIYQAGNKPCNGVAGVNCYFPL
QSYGFRPTYGVGHQPYRVVVLSFELLHAPATVCGKKFNFNGLTGTGVLTESNK
;
G
#
# COMPACT_ATOMS: atom_id res chain seq x y z
N ASP A 1 20.26 2.11 13.51
CA ASP A 1 19.51 1.40 12.49
C ASP A 1 20.31 1.23 11.18
N ILE A 2 19.67 1.50 10.05
CA ILE A 2 20.26 1.22 8.75
C ILE A 2 20.93 2.48 8.22
N GLN A 3 22.08 2.31 7.59
CA GLN A 3 22.85 3.40 7.00
C GLN A 3 23.13 3.10 5.53
N LEU A 4 22.96 4.10 4.67
CA LEU A 4 23.15 3.96 3.24
C LEU A 4 24.32 4.81 2.78
N THR A 5 25.20 4.22 1.97
CA THR A 5 26.36 4.91 1.43
C THR A 5 26.32 4.82 -0.08
N GLN A 6 26.80 5.87 -0.75
CA GLN A 6 26.82 5.92 -2.20
C GLN A 6 28.24 6.08 -2.72
N SER A 7 28.55 5.36 -3.80
CA SER A 7 29.82 5.48 -4.49
C SER A 7 29.52 5.41 -5.98
N PRO A 8 30.07 6.32 -6.80
CA PRO A 8 30.96 7.42 -6.45
C PRO A 8 30.25 8.65 -5.90
N SER A 9 31.02 9.65 -5.48
CA SER A 9 30.42 10.86 -4.91
C SER A 9 30.24 11.95 -5.96
N PHE A 10 30.84 11.79 -7.13
CA PHE A 10 30.71 12.76 -8.21
C PHE A 10 31.07 12.07 -9.52
N LEU A 11 30.42 12.50 -10.61
CA LEU A 11 30.76 12.04 -11.94
C LEU A 11 30.65 13.21 -12.90
N SER A 12 31.29 13.08 -14.05
CA SER A 12 31.13 14.01 -15.16
C SER A 12 31.05 13.20 -16.45
N ALA A 13 29.84 13.11 -17.01
CA ALA A 13 29.61 12.28 -18.17
C ALA A 13 28.99 13.11 -19.29
N SER A 14 29.37 12.80 -20.52
CA SER A 14 28.82 13.48 -21.68
C SER A 14 27.61 12.72 -22.22
N VAL A 15 27.03 13.27 -23.28
CA VAL A 15 25.82 12.70 -23.86
C VAL A 15 26.14 11.39 -24.56
N GLY A 16 25.39 10.35 -24.22
CA GLY A 16 25.53 9.04 -24.84
C GLY A 16 26.30 8.03 -24.03
N ASP A 17 26.92 8.44 -22.92
CA ASP A 17 27.75 7.54 -22.13
C ASP A 17 26.89 6.59 -21.29
N ARG A 18 27.56 5.71 -20.59
CA ARG A 18 26.92 4.77 -19.67
C ARG A 18 27.48 4.97 -18.27
N VAL A 19 26.59 4.99 -17.28
CA VAL A 19 26.92 5.34 -15.91
C VAL A 19 26.39 4.25 -14.98
N THR A 20 27.18 3.89 -13.97
CA THR A 20 26.75 2.96 -12.93
C THR A 20 26.96 3.63 -11.58
N ILE A 21 25.94 3.56 -10.71
CA ILE A 21 26.01 4.09 -9.36
C ILE A 21 25.79 2.94 -8.39
N THR A 22 26.57 2.92 -7.31
CA THR A 22 26.48 1.85 -6.33
C THR A 22 25.85 2.37 -5.05
N CYS A 23 25.36 1.44 -4.24
CA CYS A 23 24.60 1.75 -3.04
C CYS A 23 24.64 0.55 -2.10
N ARG A 24 25.12 0.76 -0.87
CA ARG A 24 25.31 -0.33 0.07
C ARG A 24 24.66 0.01 1.40
N ALA A 25 24.29 -1.04 2.13
CA ALA A 25 23.65 -0.93 3.42
C ALA A 25 24.51 -1.62 4.48
N SER A 26 24.17 -1.37 5.75
CA SER A 26 24.93 -1.98 6.83
C SER A 26 24.54 -3.43 7.04
N GLN A 27 23.35 -3.82 6.59
CA GLN A 27 22.87 -5.19 6.72
C GLN A 27 22.15 -5.60 5.44
N GLY A 28 21.65 -6.83 5.44
CA GLY A 28 20.84 -7.30 4.32
C GLY A 28 19.42 -6.80 4.40
N ILE A 29 18.97 -6.07 3.37
CA ILE A 29 17.65 -5.46 3.41
C ILE A 29 16.65 -6.15 2.50
N ASP A 30 17.11 -7.10 1.66
CA ASP A 30 16.27 -8.00 0.87
C ASP A 30 15.36 -7.24 -0.12
N LYS A 31 15.98 -6.51 -1.06
CA LYS A 31 15.41 -5.96 -2.29
C LYS A 31 14.49 -4.77 -2.07
N TYR A 32 14.14 -4.43 -0.83
CA TYR A 32 13.19 -3.34 -0.57
C TYR A 32 13.93 -2.00 -0.64
N LEU A 33 14.20 -1.57 -1.88
CA LEU A 33 14.96 -0.35 -2.08
C LEU A 33 14.53 0.29 -3.39
N ALA A 34 14.58 1.63 -3.43
CA ALA A 34 14.12 2.38 -4.58
C ALA A 34 15.25 3.30 -5.06
N TRP A 35 14.97 4.04 -6.12
CA TRP A 35 15.90 5.01 -6.68
C TRP A 35 15.12 6.23 -7.13
N TYR A 36 15.67 7.42 -6.88
CA TYR A 36 14.98 8.67 -7.19
C TYR A 36 15.93 9.60 -7.92
N GLN A 37 15.37 10.68 -8.47
CA GLN A 37 16.11 11.64 -9.28
C GLN A 37 15.59 13.03 -9.01
N GLN A 38 16.49 13.98 -8.83
CA GLN A 38 16.12 15.36 -8.53
C GLN A 38 16.96 16.32 -9.36
N LYS A 39 16.30 17.07 -10.24
CA LYS A 39 16.92 18.20 -10.91
C LYS A 39 16.83 19.44 -10.02
N PRO A 40 17.81 20.34 -10.09
CA PRO A 40 17.85 21.45 -9.12
C PRO A 40 16.75 22.46 -9.37
N GLY A 41 15.97 22.73 -8.33
CA GLY A 41 14.90 23.70 -8.39
C GLY A 41 13.51 23.14 -8.56
N GLN A 42 13.35 21.82 -8.58
CA GLN A 42 12.03 21.19 -8.71
C GLN A 42 11.92 19.99 -7.78
N ALA A 43 10.81 19.27 -7.93
CA ALA A 43 10.49 18.13 -7.07
C ALA A 43 11.11 16.84 -7.60
N PRO A 44 11.46 15.92 -6.71
CA PRO A 44 11.95 14.61 -7.16
C PRO A 44 10.82 13.71 -7.61
N LYS A 45 11.18 12.66 -8.36
CA LYS A 45 10.21 11.72 -8.91
C LYS A 45 10.75 10.29 -8.82
N VAL A 46 9.84 9.33 -8.96
CA VAL A 46 10.17 7.92 -8.85
C VAL A 46 10.79 7.45 -10.17
N LEU A 47 11.81 6.59 -10.06
CA LEU A 47 12.29 5.89 -11.25
C LEU A 47 12.09 4.38 -11.15
N ILE A 48 12.63 3.75 -10.10
CA ILE A 48 12.55 2.30 -9.94
C ILE A 48 12.22 2.02 -8.49
N TYR A 49 11.22 1.15 -8.26
CA TYR A 49 10.96 0.61 -6.94
C TYR A 49 11.31 -0.87 -6.93
N ALA A 50 11.71 -1.36 -5.75
CA ALA A 50 12.14 -2.74 -5.50
C ALA A 50 13.31 -3.18 -6.37
N ALA A 51 14.09 -2.20 -6.86
CA ALA A 51 15.38 -2.34 -7.54
C ALA A 51 15.32 -3.02 -8.91
N SER A 52 14.15 -3.49 -9.33
CA SER A 52 14.03 -4.22 -10.58
C SER A 52 12.79 -3.88 -11.39
N THR A 53 11.90 -3.04 -10.88
CA THR A 53 10.64 -2.74 -11.53
C THR A 53 10.49 -1.23 -11.71
N LEU A 54 10.17 -0.79 -12.92
CA LEU A 54 10.05 0.63 -13.20
C LEU A 54 8.64 1.14 -12.93
N HIS A 55 8.53 2.43 -12.67
CA HIS A 55 7.23 3.05 -12.53
C HIS A 55 6.75 3.57 -13.88
N SER A 56 5.46 3.85 -13.98
CA SER A 56 4.85 4.22 -15.25
C SER A 56 5.25 5.63 -15.67
N GLY A 57 5.51 5.80 -16.96
CA GLY A 57 5.82 7.08 -17.54
C GLY A 57 7.26 7.25 -17.98
N VAL A 58 8.21 6.63 -17.28
CA VAL A 58 9.62 6.77 -17.62
C VAL A 58 9.96 5.79 -18.74
N PRO A 59 10.93 6.10 -19.60
CA PRO A 59 11.29 5.16 -20.66
C PRO A 59 11.99 3.90 -20.14
N SER A 60 12.06 2.90 -21.02
CA SER A 60 12.56 1.59 -20.62
C SER A 60 14.08 1.50 -20.67
N ARG A 61 14.79 2.60 -20.91
CA ARG A 61 16.25 2.55 -20.86
C ARG A 61 16.75 2.47 -19.42
N PHE A 62 15.96 2.94 -18.47
CA PHE A 62 16.32 2.86 -17.05
C PHE A 62 16.20 1.42 -16.57
N SER A 63 17.21 0.96 -15.83
CA SER A 63 17.19 -0.39 -15.31
C SER A 63 18.09 -0.47 -14.08
N GLY A 64 17.65 -1.29 -13.13
CA GLY A 64 18.45 -1.57 -11.96
C GLY A 64 18.58 -3.07 -11.80
N SER A 65 19.59 -3.48 -11.04
CA SER A 65 19.84 -4.89 -10.82
C SER A 65 20.45 -5.05 -9.44
N GLY A 66 20.66 -6.31 -9.05
CA GLY A 66 21.28 -6.61 -7.77
C GLY A 66 20.27 -6.91 -6.69
N SER A 67 20.73 -7.58 -5.64
CA SER A 67 19.91 -7.87 -4.47
C SER A 67 20.83 -7.95 -3.26
N GLY A 68 20.23 -8.21 -2.10
CA GLY A 68 21.02 -8.34 -0.90
C GLY A 68 21.47 -7.01 -0.33
N THR A 69 22.78 -6.76 -0.31
CA THR A 69 23.28 -5.56 0.34
C THR A 69 23.70 -4.48 -0.65
N ASP A 70 24.14 -4.85 -1.86
CA ASP A 70 24.65 -3.89 -2.84
C ASP A 70 23.66 -3.77 -3.98
N PHE A 71 23.49 -2.55 -4.49
CA PHE A 71 22.54 -2.26 -5.55
C PHE A 71 23.18 -1.36 -6.59
N THR A 72 22.76 -1.54 -7.85
CA THR A 72 23.30 -0.78 -8.97
C THR A 72 22.16 -0.12 -9.74
N LEU A 73 22.45 1.05 -10.27
CA LEU A 73 21.55 1.79 -11.15
C LEU A 73 22.31 2.21 -12.39
N THR A 74 21.82 1.82 -13.56
CA THR A 74 22.52 2.09 -14.81
C THR A 74 21.55 2.59 -15.88
N ILE A 75 22.08 3.46 -16.74
CA ILE A 75 21.40 3.93 -17.94
C ILE A 75 22.36 3.69 -19.10
N SER A 76 21.88 2.99 -20.14
CA SER A 76 22.76 2.67 -21.26
C SER A 76 23.06 3.92 -22.09
N SER A 77 22.03 4.65 -22.47
CA SER A 77 22.20 5.86 -23.28
C SER A 77 21.75 7.05 -22.45
N LEU A 78 22.71 7.87 -22.01
CA LEU A 78 22.38 9.05 -21.23
C LEU A 78 21.76 10.13 -22.11
N GLN A 79 20.91 10.94 -21.51
CA GLN A 79 20.16 11.97 -22.20
C GLN A 79 20.41 13.34 -21.59
N PRO A 80 20.20 14.42 -22.34
CA PRO A 80 20.42 15.76 -21.77
C PRO A 80 19.43 16.16 -20.68
N GLU A 81 18.30 15.46 -20.56
CA GLU A 81 17.39 15.75 -19.46
C GLU A 81 17.77 15.01 -18.19
N ASP A 82 18.68 14.04 -18.29
CA ASP A 82 19.01 13.21 -17.14
C ASP A 82 20.15 13.78 -16.32
N PHE A 83 20.60 14.99 -16.64
CA PHE A 83 21.68 15.60 -15.86
C PHE A 83 21.13 16.12 -14.54
N ALA A 84 21.19 15.27 -13.52
CA ALA A 84 20.64 15.57 -12.20
C ALA A 84 21.28 14.65 -11.17
N THR A 85 20.86 14.75 -9.91
CA THR A 85 21.39 13.88 -8.86
C THR A 85 20.45 12.70 -8.62
N TYR A 86 21.00 11.63 -8.06
CA TYR A 86 20.26 10.39 -7.86
C TYR A 86 20.41 9.91 -6.43
N TYR A 87 19.28 9.60 -5.78
CA TYR A 87 19.26 9.18 -4.40
C TYR A 87 18.73 7.75 -4.28
N CYS A 88 19.32 7.00 -3.35
CA CYS A 88 18.81 5.71 -2.92
C CYS A 88 17.72 5.96 -1.89
N GLN A 89 16.95 4.92 -1.58
CA GLN A 89 16.07 4.90 -0.42
C GLN A 89 15.84 3.47 0.01
N GLN A 90 16.16 3.16 1.26
CA GLN A 90 15.90 1.82 1.78
C GLN A 90 14.46 1.78 2.26
N LEU A 91 13.89 0.58 2.29
CA LEU A 91 12.52 0.39 2.73
C LEU A 91 12.34 -0.87 3.56
N TYR A 92 13.32 -1.26 4.37
CA TYR A 92 13.17 -2.48 5.16
C TYR A 92 12.20 -2.27 6.30
N THR A 93 12.43 -1.27 7.16
CA THR A 93 11.53 -0.98 8.26
C THR A 93 11.70 0.48 8.65
N PHE A 94 10.76 0.95 9.48
CA PHE A 94 10.91 2.26 10.10
C PHE A 94 12.11 2.25 11.04
N PRO A 95 12.91 3.33 11.08
CA PRO A 95 12.82 4.60 10.35
C PRO A 95 13.41 4.54 8.96
N VAL A 96 12.74 5.19 8.01
CA VAL A 96 13.22 5.27 6.63
C VAL A 96 14.43 6.18 6.57
N THR A 97 15.44 5.80 5.81
CA THR A 97 16.60 6.64 5.58
C THR A 97 17.03 6.56 4.13
N PHE A 98 17.75 7.59 3.68
CA PHE A 98 18.08 7.78 2.28
C PHE A 98 19.57 7.63 2.07
N GLY A 99 19.99 7.93 0.85
CA GLY A 99 21.39 7.95 0.50
C GLY A 99 21.92 9.37 0.47
N PRO A 100 23.25 9.52 0.50
CA PRO A 100 23.82 10.89 0.56
C PRO A 100 23.68 11.68 -0.72
N GLY A 101 23.77 11.04 -1.88
CA GLY A 101 23.54 11.77 -3.11
C GLY A 101 24.74 11.76 -4.04
N THR A 102 24.47 11.47 -5.32
CA THR A 102 25.47 11.49 -6.37
C THR A 102 24.91 12.25 -7.56
N LYS A 103 25.58 13.33 -7.96
CA LYS A 103 25.09 14.20 -9.01
C LYS A 103 25.82 13.97 -10.32
N VAL A 104 25.13 14.24 -11.42
CA VAL A 104 25.64 14.01 -12.77
C VAL A 104 25.78 15.36 -13.45
N ASP A 105 27.01 15.79 -13.65
CA ASP A 105 27.32 17.06 -14.30
C ASP A 105 27.92 16.81 -15.67
N VAL A 106 28.06 17.88 -16.45
CA VAL A 106 28.53 17.78 -17.82
C VAL A 106 30.03 17.48 -17.83
N ARG A 107 30.51 16.99 -18.96
CA ARG A 107 31.94 16.67 -19.11
C ARG A 107 32.54 17.37 -20.32
N GLU B 1 -4.75 15.23 -12.37
CA GLU B 1 -3.72 14.34 -11.84
C GLU B 1 -3.73 14.36 -10.32
N VAL B 2 -2.55 14.40 -9.71
CA VAL B 2 -2.40 14.45 -8.26
C VAL B 2 -2.01 15.87 -7.89
N GLN B 3 -2.82 16.50 -7.05
CA GLN B 3 -2.59 17.88 -6.64
C GLN B 3 -2.44 17.94 -5.13
N LEU B 4 -1.26 18.31 -4.66
CA LEU B 4 -0.97 18.46 -3.24
C LEU B 4 -0.47 19.87 -2.99
N VAL B 5 -1.32 20.70 -2.41
CA VAL B 5 -0.96 22.06 -2.02
C VAL B 5 -0.72 22.08 -0.51
N GLU B 6 0.32 22.81 -0.10
CA GLU B 6 0.74 22.87 1.28
C GLU B 6 0.86 24.33 1.70
N SER B 7 0.71 24.59 3.00
CA SER B 7 0.73 25.94 3.51
C SER B 7 1.32 25.95 4.91
N GLY B 8 1.44 27.15 5.49
CA GLY B 8 1.93 27.31 6.84
C GLY B 8 3.39 27.71 6.94
N GLY B 9 4.11 27.81 5.83
CA GLY B 9 5.52 28.17 5.90
C GLY B 9 5.71 29.65 6.17
N GLY B 10 6.61 29.94 7.10
CA GLY B 10 6.91 31.32 7.47
C GLY B 10 8.15 31.44 8.31
N LEU B 11 8.73 32.64 8.37
CA LEU B 11 9.92 32.85 9.17
C LEU B 11 9.55 32.90 10.65
N VAL B 12 10.16 32.02 11.44
CA VAL B 12 9.85 31.87 12.85
C VAL B 12 11.14 31.90 13.67
N GLN B 13 10.97 32.11 14.98
CA GLN B 13 12.08 32.20 15.92
C GLN B 13 12.25 30.86 16.63
N PRO B 14 13.48 30.48 16.96
CA PRO B 14 13.70 29.20 17.65
C PRO B 14 13.09 29.18 19.06
N GLY B 15 12.47 28.04 19.39
CA GLY B 15 11.71 27.90 20.60
C GLY B 15 10.22 28.04 20.43
N ARG B 16 9.75 28.34 19.23
CA ARG B 16 8.33 28.55 18.98
C ARG B 16 7.68 27.26 18.51
N SER B 17 6.43 27.37 18.04
CA SER B 17 5.67 26.25 17.54
C SER B 17 4.84 26.67 16.33
N LEU B 18 4.57 25.71 15.46
CA LEU B 18 3.86 25.95 14.22
C LEU B 18 3.24 24.64 13.77
N ARG B 19 2.17 24.74 12.98
CA ARG B 19 1.52 23.57 12.40
C ARG B 19 1.57 23.67 10.88
N LEU B 20 2.11 22.65 10.24
CA LEU B 20 2.11 22.55 8.79
C LEU B 20 0.80 21.93 8.32
N SER B 21 0.44 22.24 7.07
CA SER B 21 -0.79 21.74 6.48
C SER B 21 -0.53 21.31 5.05
N CYS B 22 -1.35 20.38 4.58
CA CYS B 22 -1.24 19.85 3.23
C CYS B 22 -2.59 19.32 2.77
N ALA B 23 -3.17 19.96 1.77
CA ALA B 23 -4.43 19.52 1.19
C ALA B 23 -4.15 18.53 0.07
N ALA B 24 -5.15 17.70 -0.23
CA ALA B 24 -5.02 16.67 -1.25
C ALA B 24 -6.25 16.67 -2.14
N SER B 25 -6.02 16.48 -3.44
CA SER B 25 -7.09 16.42 -4.42
C SER B 25 -6.60 15.67 -5.65
N GLY B 26 -7.45 14.78 -6.16
CA GLY B 26 -7.11 14.00 -7.32
C GLY B 26 -6.93 12.52 -7.09
N PHE B 27 -7.08 12.04 -5.86
CA PHE B 27 -7.06 10.61 -5.59
C PHE B 27 -7.95 10.34 -4.39
N LYS B 28 -8.00 9.07 -4.00
CA LYS B 28 -8.72 8.69 -2.78
C LYS B 28 -7.74 8.76 -1.63
N PHE B 29 -7.97 9.69 -0.70
CA PHE B 29 -6.97 10.00 0.30
C PHE B 29 -6.87 8.91 1.37
N ASP B 30 -8.01 8.36 1.79
CA ASP B 30 -8.00 7.44 2.92
C ASP B 30 -7.45 6.06 2.54
N ASP B 31 -7.32 5.78 1.23
CA ASP B 31 -6.79 4.49 0.82
C ASP B 31 -5.27 4.51 0.72
N TYR B 32 -4.68 5.70 0.56
CA TYR B 32 -3.23 5.83 0.42
C TYR B 32 -2.64 6.41 1.69
N ALA B 33 -1.38 6.07 1.95
CA ALA B 33 -0.70 6.59 3.12
C ALA B 33 -0.15 7.99 2.83
N MET B 34 0.60 8.51 3.80
CA MET B 34 1.23 9.82 3.69
C MET B 34 2.53 9.84 4.47
N HIS B 35 3.42 10.76 4.12
CA HIS B 35 4.68 10.95 4.82
C HIS B 35 5.05 12.43 4.82
N TRP B 36 6.19 12.73 5.41
CA TRP B 36 6.81 14.04 5.33
C TRP B 36 8.32 13.86 5.22
N VAL B 37 8.95 14.59 4.31
CA VAL B 37 10.39 14.51 4.11
C VAL B 37 10.93 15.92 3.91
N ARG B 38 12.01 16.24 4.60
CA ARG B 38 12.61 17.57 4.55
C ARG B 38 13.92 17.52 3.78
N GLN B 39 14.31 18.67 3.25
CA GLN B 39 15.55 18.79 2.49
C GLN B 39 16.20 20.11 2.84
N ALA B 40 17.40 20.04 3.44
CA ALA B 40 18.16 21.23 3.76
C ALA B 40 18.66 21.89 2.47
N PRO B 41 18.86 23.23 2.48
CA PRO B 41 19.36 23.92 1.28
C PRO B 41 20.73 23.47 0.81
N GLY B 42 21.58 23.03 1.75
CA GLY B 42 22.88 22.52 1.38
C GLY B 42 22.96 21.01 1.32
N LYS B 43 22.08 20.31 2.03
CA LYS B 43 22.15 18.86 2.10
C LYS B 43 21.13 18.22 1.16
N GLY B 44 21.02 16.90 1.25
CA GLY B 44 20.06 16.15 0.47
C GLY B 44 18.75 15.92 1.21
N LEU B 45 18.22 14.71 1.03
CA LEU B 45 16.94 14.37 1.63
C LEU B 45 17.13 13.68 2.97
N GLU B 46 16.14 13.80 3.85
CA GLU B 46 16.11 13.13 5.12
C GLU B 46 14.66 12.94 5.54
N TRP B 47 14.29 11.70 5.86
CA TRP B 47 12.90 11.33 6.12
C TRP B 47 12.49 11.81 7.50
N VAL B 48 11.39 12.55 7.57
CA VAL B 48 10.97 13.15 8.83
C VAL B 48 10.00 12.25 9.57
N SER B 49 8.85 11.96 8.96
CA SER B 49 7.77 11.28 9.66
C SER B 49 7.02 10.40 8.68
N GLY B 50 6.13 9.58 9.22
CA GLY B 50 5.32 8.70 8.41
C GLY B 50 4.05 8.31 9.12
N THR B 51 2.95 8.21 8.38
CA THR B 51 1.68 7.82 8.96
C THR B 51 1.00 6.78 8.08
N SER B 52 0.02 6.10 8.66
CA SER B 52 -0.69 5.03 8.01
C SER B 52 -1.96 5.56 7.33
N TRP B 53 -2.81 4.63 6.90
CA TRP B 53 -4.06 5.03 6.25
C TRP B 53 -5.06 5.58 7.25
N ASN B 54 -5.01 5.08 8.50
CA ASN B 54 -5.91 5.54 9.55
C ASN B 54 -5.16 5.88 10.83
N SER B 55 -3.91 6.35 10.70
CA SER B 55 -2.96 6.52 11.80
C SER B 55 -2.80 5.25 12.63
N GLY B 56 -2.77 4.09 11.98
CA GLY B 56 -2.56 2.84 12.70
C GLY B 56 -1.13 2.70 13.17
N THR B 57 -0.17 2.79 12.26
CA THR B 57 1.24 2.71 12.58
C THR B 57 1.90 4.01 12.14
N THR B 58 2.31 4.84 13.11
CA THR B 58 3.06 6.05 12.83
C THR B 58 4.44 5.91 13.44
N GLY B 59 5.46 6.34 12.69
CA GLY B 59 6.81 6.36 13.20
C GLY B 59 7.51 7.62 12.74
N TYR B 60 8.46 8.06 13.55
CA TYR B 60 9.26 9.22 13.24
C TYR B 60 10.73 8.81 13.19
N ALA B 61 11.55 9.69 12.62
CA ALA B 61 12.99 9.48 12.66
C ALA B 61 13.51 9.76 14.08
N ASP B 62 14.73 9.30 14.34
CA ASP B 62 15.29 9.43 15.68
C ASP B 62 15.73 10.86 15.99
N SER B 63 15.88 11.71 14.97
CA SER B 63 16.29 13.08 15.22
C SER B 63 15.12 13.94 15.66
N VAL B 64 13.97 13.80 14.98
CA VAL B 64 12.80 14.61 15.31
C VAL B 64 11.83 13.89 16.24
N ARG B 65 12.29 12.83 16.91
CA ARG B 65 11.43 12.03 17.78
C ARG B 65 10.98 12.82 18.99
N GLY B 66 9.67 12.94 19.16
CA GLY B 66 9.10 13.63 20.29
C GLY B 66 8.74 15.08 20.01
N ARG B 67 9.61 15.79 19.29
CA ARG B 67 9.37 17.20 19.01
C ARG B 67 8.27 17.40 17.98
N PHE B 68 8.05 16.40 17.13
CA PHE B 68 7.08 16.46 16.05
C PHE B 68 5.93 15.51 16.34
N THR B 69 4.78 15.76 15.72
CA THR B 69 3.62 14.88 15.84
C THR B 69 2.78 14.99 14.58
N ILE B 70 2.40 13.84 14.04
CA ILE B 70 1.59 13.81 12.83
C ILE B 70 0.15 13.47 13.20
N SER B 71 -0.77 13.81 12.31
CA SER B 71 -2.16 13.40 12.47
C SER B 71 -2.81 13.32 11.10
N ARG B 72 -3.80 12.46 10.99
CA ARG B 72 -4.53 12.26 9.76
C ARG B 72 -5.98 12.68 9.96
N ASP B 73 -6.52 13.41 8.98
CA ASP B 73 -7.91 13.80 9.04
C ASP B 73 -8.50 13.59 7.65
N ASN B 74 -9.23 12.49 7.51
CA ASN B 74 -9.70 12.06 6.19
C ASN B 74 -10.91 12.87 5.73
N ALA B 75 -11.50 13.66 6.63
CA ALA B 75 -12.70 14.41 6.29
C ALA B 75 -12.40 15.55 5.33
N LYS B 76 -11.44 16.41 5.69
CA LYS B 76 -11.10 17.58 4.89
C LYS B 76 -10.12 17.28 3.78
N LYS B 77 -9.71 16.02 3.61
CA LYS B 77 -8.61 15.59 2.74
C LYS B 77 -7.34 16.37 3.06
N SER B 78 -7.03 16.48 4.34
CA SER B 78 -5.93 17.30 4.81
C SER B 78 -4.91 16.44 5.56
N LEU B 79 -3.76 17.06 5.82
CA LEU B 79 -2.67 16.42 6.55
C LEU B 79 -2.02 17.46 7.45
N TYR B 80 -1.64 17.06 8.66
CA TYR B 80 -1.15 17.97 9.68
C TYR B 80 0.19 17.49 10.21
N LEU B 81 1.14 18.42 10.33
CA LEU B 81 2.38 18.19 11.04
C LEU B 81 2.60 19.36 12.00
N GLN B 82 2.83 19.05 13.27
CA GLN B 82 3.02 20.04 14.32
C GLN B 82 4.44 19.94 14.84
N MET B 83 5.18 21.04 14.80
CA MET B 83 6.57 21.09 15.21
C MET B 83 6.68 21.94 16.48
N ASN B 84 7.32 21.40 17.50
CA ASN B 84 7.53 22.10 18.76
C ASN B 84 9.00 22.01 19.17
N SER B 85 9.47 23.10 19.80
CA SER B 85 10.87 23.29 20.20
C SER B 85 11.81 23.14 19.01
N LEU B 86 11.68 24.04 18.04
CA LEU B 86 12.48 23.99 16.83
C LEU B 86 13.91 24.42 17.12
N GLY B 87 14.84 23.93 16.30
CA GLY B 87 16.21 24.40 16.35
C GLY B 87 16.55 25.13 15.06
N VAL B 88 17.79 25.62 14.98
CA VAL B 88 18.21 26.35 13.79
C VAL B 88 18.52 25.39 12.66
N GLU B 89 18.71 24.10 12.97
CA GLU B 89 19.07 23.13 11.95
C GLU B 89 17.88 22.71 11.09
N ASP B 90 16.66 23.05 11.51
CA ASP B 90 15.48 22.55 10.81
C ASP B 90 15.02 23.49 9.69
N THR B 91 15.86 24.40 9.24
CA THR B 91 15.54 25.16 8.04
C THR B 91 15.65 24.28 6.80
N ALA B 92 14.49 23.99 6.20
CA ALA B 92 14.43 23.01 5.12
C ALA B 92 13.14 23.21 4.34
N PHE B 93 13.08 22.58 3.17
CA PHE B 93 11.85 22.46 2.41
C PHE B 93 11.15 21.17 2.80
N TYR B 94 9.93 21.27 3.29
CA TYR B 94 9.16 20.11 3.74
C TYR B 94 8.21 19.70 2.64
N TYR B 95 8.44 18.52 2.07
CA TYR B 95 7.60 17.99 1.00
C TYR B 95 6.49 17.13 1.59
N CYS B 96 5.25 17.50 1.29
CA CYS B 96 4.10 16.66 1.63
C CYS B 96 4.00 15.59 0.56
N VAL B 97 4.47 14.39 0.87
CA VAL B 97 4.71 13.35 -0.13
C VAL B 97 3.68 12.23 0.05
N LYS B 98 3.08 11.82 -1.06
CA LYS B 98 2.06 10.78 -1.05
C LYS B 98 2.70 9.43 -1.26
N ASP B 99 2.46 8.51 -0.33
CA ASP B 99 2.97 7.15 -0.47
C ASP B 99 2.13 6.41 -1.50
N SER B 100 2.48 5.16 -1.79
CA SER B 100 1.70 4.35 -2.76
C SER B 100 0.88 3.20 -2.20
N ASN B 101 1.48 2.33 -1.40
CA ASN B 101 0.71 1.26 -0.77
C ASN B 101 -0.08 1.75 0.42
N TYR B 102 -1.03 0.95 0.90
CA TYR B 102 -1.90 1.41 1.97
C TYR B 102 -1.29 1.75 3.30
N ASP B 103 -0.31 0.98 3.76
CA ASP B 103 0.18 1.22 5.11
C ASP B 103 1.55 1.77 5.42
N SER B 104 2.61 1.19 4.91
CA SER B 104 3.94 1.63 5.36
C SER B 104 5.18 1.27 4.57
N SER B 105 6.33 1.46 5.19
CA SER B 105 7.61 1.14 4.55
C SER B 105 7.92 -0.30 4.19
N GLY B 106 7.56 -1.25 5.04
CA GLY B 106 7.92 -2.63 4.80
C GLY B 106 7.43 -3.33 3.56
N TYR B 107 6.20 -3.03 3.13
CA TYR B 107 5.63 -3.73 1.99
C TYR B 107 6.47 -3.50 0.75
N LEU B 108 6.56 -4.51 -0.09
CA LEU B 108 7.43 -4.42 -1.26
C LEU B 108 7.05 -3.29 -2.19
N ILE B 109 5.76 -3.12 -2.45
CA ILE B 109 5.35 -2.08 -3.37
C ILE B 109 5.21 -0.75 -2.64
N ASN B 110 6.34 -0.20 -2.22
CA ASN B 110 6.29 1.11 -1.59
C ASN B 110 7.23 2.01 -2.36
N ASN B 111 6.76 3.20 -2.71
CA ASN B 111 7.60 4.15 -3.40
C ASN B 111 6.97 5.50 -3.19
N PHE B 112 7.78 6.50 -2.88
CA PHE B 112 7.21 7.80 -2.58
C PHE B 112 6.75 8.46 -3.87
N ASP B 113 5.48 8.27 -4.21
CA ASP B 113 5.01 8.40 -5.59
C ASP B 113 4.90 9.85 -6.02
N TYR B 114 4.02 10.62 -5.40
CA TYR B 114 3.88 12.01 -5.80
C TYR B 114 4.39 12.93 -4.71
N TRP B 115 5.13 13.96 -5.11
CA TRP B 115 5.79 14.87 -4.19
C TRP B 115 5.22 16.26 -4.43
N GLY B 116 4.91 16.97 -3.35
CA GLY B 116 4.41 18.32 -3.48
C GLY B 116 5.50 19.30 -3.86
N GLN B 117 5.10 20.55 -4.04
CA GLN B 117 6.04 21.61 -4.41
C GLN B 117 7.00 21.91 -3.26
N GLY B 118 6.55 21.71 -2.03
CA GLY B 118 7.36 21.94 -0.87
C GLY B 118 7.42 23.42 -0.49
N ILE B 119 7.41 23.66 0.81
CA ILE B 119 7.47 25.02 1.35
C ILE B 119 8.66 25.09 2.30
N LEU B 120 9.32 26.25 2.33
CA LEU B 120 10.46 26.44 3.20
C LEU B 120 9.97 26.96 4.54
N VAL B 121 10.41 26.31 5.62
CA VAL B 121 10.25 26.85 6.96
C VAL B 121 11.64 27.17 7.46
N THR B 122 11.99 28.46 7.49
CA THR B 122 13.31 28.91 7.86
C THR B 122 13.24 29.53 9.26
N VAL B 123 13.95 28.93 10.20
CA VAL B 123 13.93 29.34 11.60
C VAL B 123 15.36 29.69 12.03
N SER B 124 15.69 30.97 11.93
CA SER B 124 16.96 31.48 12.43
C SER B 124 16.74 32.71 13.30
N SER B 125 15.79 33.56 12.88
CA SER B 125 15.47 34.85 13.50
C SER B 125 16.68 35.77 13.68
N THR C 1 -24.86 2.12 -21.64
CA THR C 1 -23.59 1.92 -22.33
C THR C 1 -22.39 2.20 -21.44
N ASN C 2 -22.64 2.69 -20.23
CA ASN C 2 -21.55 2.97 -19.31
C ASN C 2 -21.11 1.71 -18.55
N LEU C 3 -19.83 1.38 -18.72
CA LEU C 3 -19.27 0.19 -18.09
C LEU C 3 -19.16 0.41 -16.59
N CYS C 4 -19.91 -0.41 -15.85
CA CYS C 4 -19.97 -0.19 -14.41
C CYS C 4 -18.74 -0.80 -13.74
N PRO C 5 -18.26 -0.19 -12.63
CA PRO C 5 -16.89 -0.47 -12.17
C PRO C 5 -16.65 -1.86 -11.62
N PHE C 6 -15.80 -2.61 -12.31
CA PHE C 6 -15.08 -3.73 -11.71
C PHE C 6 -13.73 -3.29 -11.16
N ASP C 7 -13.20 -2.15 -11.63
CA ASP C 7 -11.88 -1.72 -11.22
C ASP C 7 -11.87 -1.19 -9.79
N GLU C 8 -13.01 -0.70 -9.30
CA GLU C 8 -13.08 -0.25 -7.91
C GLU C 8 -13.29 -1.43 -6.97
N VAL C 9 -13.59 -2.60 -7.53
CA VAL C 9 -13.64 -3.82 -6.72
C VAL C 9 -12.31 -4.58 -6.82
N PHE C 10 -11.81 -4.73 -8.05
CA PHE C 10 -10.60 -5.51 -8.25
C PHE C 10 -9.35 -4.71 -7.93
N ASN C 11 -9.11 -3.63 -8.67
CA ASN C 11 -7.87 -2.87 -8.61
C ASN C 11 -8.01 -1.80 -7.53
N ALA C 12 -8.00 -2.21 -6.27
CA ALA C 12 -8.08 -1.28 -5.16
C ALA C 12 -6.98 -1.64 -4.16
N THR C 13 -6.60 -0.66 -3.35
CA THR C 13 -5.48 -0.87 -2.44
C THR C 13 -5.91 -1.63 -1.20
N ARG C 14 -6.91 -1.12 -0.49
CA ARG C 14 -7.41 -1.77 0.72
C ARG C 14 -8.39 -2.87 0.33
N PHE C 15 -8.09 -4.08 0.77
CA PHE C 15 -9.08 -5.15 0.81
C PHE C 15 -9.48 -5.33 2.26
N ALA C 16 -10.77 -5.52 2.51
CA ALA C 16 -11.24 -5.63 3.87
C ALA C 16 -10.89 -6.98 4.47
N SER C 17 -10.92 -7.05 5.79
CA SER C 17 -10.70 -8.31 6.48
C SER C 17 -11.87 -9.25 6.26
N VAL C 18 -11.64 -10.55 6.53
CA VAL C 18 -12.60 -11.55 6.11
C VAL C 18 -13.85 -11.57 7.00
N TYR C 19 -13.80 -11.01 8.20
CA TYR C 19 -15.00 -11.02 9.02
C TYR C 19 -15.98 -9.93 8.60
N ALA C 20 -15.53 -8.91 7.87
CA ALA C 20 -16.40 -7.91 7.29
C ALA C 20 -16.04 -7.77 5.82
N TRP C 21 -16.62 -8.64 4.99
CA TRP C 21 -16.41 -8.57 3.56
C TRP C 21 -17.31 -7.50 2.95
N ASN C 22 -16.80 -6.83 1.94
CA ASN C 22 -17.53 -5.72 1.33
C ASN C 22 -18.68 -6.23 0.46
N ARG C 23 -19.67 -5.37 0.27
CA ARG C 23 -20.79 -5.66 -0.61
C ARG C 23 -21.01 -4.47 -1.52
N LYS C 24 -20.87 -4.70 -2.82
CA LYS C 24 -21.08 -3.66 -3.82
C LYS C 24 -22.25 -4.06 -4.70
N ARG C 25 -23.40 -3.42 -4.48
CA ARG C 25 -24.60 -3.69 -5.27
C ARG C 25 -24.38 -3.14 -6.67
N ILE C 26 -24.02 -4.01 -7.60
CA ILE C 26 -23.69 -3.63 -8.97
C ILE C 26 -24.94 -3.85 -9.82
N SER C 27 -25.40 -2.78 -10.47
CA SER C 27 -26.60 -2.85 -11.28
C SER C 27 -26.56 -1.75 -12.33
N ASN C 28 -27.51 -1.84 -13.29
CA ASN C 28 -27.67 -0.89 -14.40
C ASN C 28 -26.38 -0.74 -15.22
N CYS C 29 -25.97 -1.85 -15.81
CA CYS C 29 -24.66 -1.93 -16.44
C CYS C 29 -24.82 -2.31 -17.90
N VAL C 30 -23.73 -2.13 -18.64
CA VAL C 30 -23.43 -2.93 -19.83
C VAL C 30 -22.03 -3.48 -19.59
N ALA C 31 -21.94 -4.65 -18.97
CA ALA C 31 -20.70 -5.17 -18.42
C ALA C 31 -20.10 -6.23 -19.32
N ASP C 32 -18.82 -6.07 -19.64
CA ASP C 32 -18.06 -7.03 -20.41
C ASP C 32 -16.86 -7.48 -19.59
N TYR C 33 -16.61 -8.79 -19.56
CA TYR C 33 -15.59 -9.37 -18.70
C TYR C 33 -14.26 -9.56 -19.41
N SER C 34 -13.93 -8.71 -20.37
CA SER C 34 -12.62 -8.82 -21.03
C SER C 34 -11.51 -8.25 -20.17
N VAL C 35 -11.87 -7.45 -19.17
CA VAL C 35 -10.87 -6.76 -18.35
C VAL C 35 -10.29 -7.69 -17.29
N LEU C 36 -10.91 -8.84 -17.06
CA LEU C 36 -10.52 -9.69 -15.94
C LEU C 36 -9.23 -10.45 -16.24
N TYR C 37 -8.84 -10.55 -17.50
CA TYR C 37 -7.66 -11.35 -17.84
C TYR C 37 -6.40 -10.50 -17.91
N ASN C 38 -6.55 -9.17 -17.86
CA ASN C 38 -5.40 -8.30 -18.02
C ASN C 38 -4.71 -7.99 -16.69
N PHE C 39 -5.45 -8.12 -15.59
CA PHE C 39 -4.95 -7.57 -14.33
C PHE C 39 -3.93 -8.49 -13.65
N ALA C 40 -4.17 -9.80 -13.68
CA ALA C 40 -3.28 -10.73 -13.00
C ALA C 40 -3.43 -12.11 -13.64
N PRO C 41 -2.36 -12.92 -13.61
CA PRO C 41 -2.50 -14.35 -13.91
C PRO C 41 -3.03 -15.08 -12.68
N PHE C 42 -4.22 -15.64 -12.78
CA PHE C 42 -4.98 -16.05 -11.61
C PHE C 42 -4.49 -17.37 -11.03
N PHE C 43 -4.52 -17.46 -9.70
CA PHE C 43 -4.21 -18.70 -9.01
C PHE C 43 -5.34 -19.72 -9.15
N ALA C 44 -6.57 -19.29 -8.86
CA ALA C 44 -7.74 -20.15 -8.97
C ALA C 44 -8.90 -19.29 -9.46
N PHE C 45 -9.39 -19.59 -10.68
CA PHE C 45 -10.54 -18.91 -11.27
C PHE C 45 -11.56 -20.00 -11.58
N LYS C 46 -12.37 -20.33 -10.59
CA LYS C 46 -13.38 -21.36 -10.70
C LYS C 46 -14.76 -20.71 -10.75
N CYS C 47 -15.61 -21.20 -11.64
CA CYS C 47 -16.98 -20.75 -11.74
C CYS C 47 -17.90 -21.94 -11.50
N TYR C 48 -19.07 -21.67 -10.95
CA TYR C 48 -20.04 -22.72 -10.63
C TYR C 48 -21.38 -22.38 -11.24
N GLY C 49 -21.78 -23.13 -12.27
CA GLY C 49 -23.05 -22.92 -12.92
C GLY C 49 -22.98 -22.27 -14.28
N VAL C 50 -21.98 -21.43 -14.53
CA VAL C 50 -21.80 -20.80 -15.84
C VAL C 50 -20.37 -20.98 -16.28
N SER C 51 -20.17 -21.22 -17.57
CA SER C 51 -18.79 -21.41 -18.00
C SER C 51 -18.13 -20.06 -18.26
N PRO C 52 -16.83 -19.93 -17.98
CA PRO C 52 -16.14 -18.66 -18.24
C PRO C 52 -16.00 -18.31 -19.70
N THR C 53 -16.04 -19.28 -20.62
CA THR C 53 -15.90 -18.96 -22.03
C THR C 53 -17.19 -18.43 -22.64
N LYS C 54 -18.34 -18.69 -22.03
CA LYS C 54 -19.59 -18.09 -22.45
C LYS C 54 -20.09 -17.04 -21.46
N LEU C 55 -19.24 -16.63 -20.51
CA LEU C 55 -19.62 -15.67 -19.48
C LEU C 55 -19.92 -14.28 -20.02
N ASN C 56 -19.44 -13.96 -21.21
CA ASN C 56 -19.62 -12.62 -21.77
C ASN C 56 -21.03 -12.39 -22.31
N ASP C 57 -21.62 -13.38 -22.96
CA ASP C 57 -22.84 -13.15 -23.74
C ASP C 57 -24.13 -13.48 -23.00
N LEU C 58 -24.10 -13.68 -21.69
CA LEU C 58 -25.35 -13.83 -20.97
C LEU C 58 -25.91 -12.47 -20.56
N CYS C 59 -26.92 -12.51 -19.70
CA CYS C 59 -27.60 -11.29 -19.24
C CYS C 59 -28.07 -11.54 -17.81
N PHE C 60 -27.30 -11.08 -16.84
CA PHE C 60 -27.53 -11.43 -15.45
C PHE C 60 -28.54 -10.49 -14.81
N THR C 61 -28.80 -10.71 -13.52
CA THR C 61 -29.55 -9.79 -12.69
C THR C 61 -29.11 -9.97 -11.24
N ASN C 62 -29.00 -8.85 -10.52
CA ASN C 62 -28.59 -8.77 -9.12
C ASN C 62 -27.19 -9.38 -8.92
N VAL C 63 -26.21 -8.76 -9.56
CA VAL C 63 -24.84 -9.22 -9.45
C VAL C 63 -24.14 -8.51 -8.29
N TYR C 64 -23.61 -9.29 -7.37
CA TYR C 64 -22.86 -8.79 -6.22
C TYR C 64 -21.37 -9.01 -6.44
N ALA C 65 -20.57 -8.29 -5.65
CA ALA C 65 -19.12 -8.43 -5.69
C ALA C 65 -18.61 -8.29 -4.26
N ASP C 66 -17.96 -9.32 -3.75
CA ASP C 66 -17.41 -9.31 -2.40
C ASP C 66 -15.89 -9.25 -2.48
N SER C 67 -15.26 -8.97 -1.34
CA SER C 67 -13.82 -8.82 -1.30
C SER C 67 -13.33 -9.11 0.11
N PHE C 68 -12.28 -9.93 0.21
CA PHE C 68 -11.56 -10.15 1.45
C PHE C 68 -10.18 -10.71 1.12
N VAL C 69 -9.47 -11.17 2.14
CA VAL C 69 -8.12 -11.69 1.98
C VAL C 69 -7.86 -12.76 3.05
N ILE C 70 -7.37 -13.92 2.60
CA ILE C 70 -7.17 -15.08 3.46
C ILE C 70 -5.83 -15.74 3.16
N ARG C 71 -5.58 -16.89 3.78
CA ARG C 71 -4.30 -17.58 3.69
C ARG C 71 -4.16 -18.28 2.34
N GLY C 72 -3.09 -19.07 2.20
CA GLY C 72 -2.85 -19.79 0.98
C GLY C 72 -3.56 -21.12 0.89
N ASN C 73 -3.31 -21.99 1.88
CA ASN C 73 -3.83 -23.36 1.81
C ASN C 73 -5.29 -23.47 2.21
N GLU C 74 -5.95 -22.36 2.54
CA GLU C 74 -7.38 -22.38 2.82
C GLU C 74 -8.18 -21.47 1.89
N VAL C 75 -7.66 -21.18 0.70
CA VAL C 75 -8.47 -20.52 -0.32
C VAL C 75 -9.47 -21.48 -0.96
N SER C 76 -9.25 -22.78 -0.81
CA SER C 76 -10.16 -23.79 -1.36
C SER C 76 -11.37 -24.03 -0.48
N GLN C 77 -11.54 -23.31 0.62
CA GLN C 77 -12.76 -23.34 1.39
C GLN C 77 -13.76 -22.28 0.97
N ILE C 78 -13.39 -21.41 0.04
CA ILE C 78 -14.34 -20.46 -0.55
C ILE C 78 -14.92 -21.19 -1.76
N ALA C 79 -15.96 -21.99 -1.49
CA ALA C 79 -16.60 -22.88 -2.45
C ALA C 79 -17.95 -23.27 -1.86
N PRO C 80 -18.88 -23.82 -2.64
CA PRO C 80 -20.14 -24.27 -2.03
C PRO C 80 -19.94 -25.51 -1.17
N GLY C 81 -20.33 -25.40 0.10
CA GLY C 81 -20.46 -26.55 0.97
C GLY C 81 -19.20 -27.04 1.63
N GLN C 82 -18.13 -26.27 1.64
CA GLN C 82 -16.92 -26.68 2.31
C GLN C 82 -17.06 -26.50 3.82
N THR C 83 -16.12 -27.06 4.57
CA THR C 83 -16.16 -27.03 6.03
C THR C 83 -14.77 -26.77 6.58
N GLY C 84 -14.70 -25.87 7.56
CA GLY C 84 -13.43 -25.54 8.19
C GLY C 84 -13.65 -24.47 9.25
N ASN C 85 -12.66 -23.61 9.41
CA ASN C 85 -12.82 -22.44 10.25
C ASN C 85 -13.15 -21.17 9.47
N ILE C 86 -12.96 -21.19 8.15
CA ILE C 86 -13.34 -20.06 7.31
C ILE C 86 -14.80 -20.14 6.91
N ALA C 87 -15.24 -21.29 6.42
CA ALA C 87 -16.56 -21.41 5.81
C ALA C 87 -17.68 -21.65 6.81
N ASP C 88 -17.39 -21.65 8.11
CA ASP C 88 -18.46 -21.69 9.11
C ASP C 88 -18.51 -20.44 9.98
N TYR C 89 -17.45 -19.64 10.00
CA TYR C 89 -17.34 -18.53 10.92
C TYR C 89 -17.22 -17.17 10.24
N ASN C 90 -16.72 -17.11 9.01
CA ASN C 90 -16.50 -15.82 8.35
C ASN C 90 -17.32 -15.68 7.07
N TYR C 91 -17.21 -16.62 6.15
CA TYR C 91 -17.82 -16.47 4.84
C TYR C 91 -18.28 -17.83 4.35
N LYS C 92 -19.60 -18.05 4.32
CA LYS C 92 -20.17 -19.27 3.80
C LYS C 92 -21.04 -18.94 2.61
N LEU C 93 -20.79 -19.62 1.49
CA LEU C 93 -21.67 -19.55 0.34
C LEU C 93 -22.75 -20.63 0.46
N PRO C 94 -23.96 -20.39 -0.03
CA PRO C 94 -24.99 -21.43 0.01
C PRO C 94 -24.68 -22.55 -0.98
N ASP C 95 -25.40 -23.66 -0.82
CA ASP C 95 -25.16 -24.84 -1.64
C ASP C 95 -25.67 -24.67 -3.06
N ASP C 96 -26.53 -23.69 -3.33
CA ASP C 96 -26.97 -23.36 -4.68
C ASP C 96 -26.31 -22.08 -5.19
N PHE C 97 -25.04 -21.87 -4.84
CA PHE C 97 -24.31 -20.71 -5.30
C PHE C 97 -24.01 -20.81 -6.79
N THR C 98 -24.28 -19.74 -7.52
CA THR C 98 -24.21 -19.76 -8.97
C THR C 98 -23.48 -18.55 -9.51
N GLY C 99 -22.30 -18.25 -8.96
CA GLY C 99 -21.46 -17.19 -9.47
C GLY C 99 -20.07 -17.65 -9.83
N CYS C 100 -19.04 -16.86 -9.49
CA CYS C 100 -17.67 -17.19 -9.81
C CYS C 100 -16.74 -16.78 -8.68
N VAL C 101 -15.79 -17.65 -8.36
CA VAL C 101 -14.84 -17.44 -7.27
C VAL C 101 -13.49 -17.14 -7.89
N ILE C 102 -13.00 -15.93 -7.68
CA ILE C 102 -11.73 -15.47 -8.26
C ILE C 102 -10.75 -15.22 -7.12
N ALA C 103 -9.52 -15.71 -7.29
CA ALA C 103 -8.52 -15.57 -6.24
C ALA C 103 -7.13 -15.63 -6.84
N TRP C 104 -6.35 -14.57 -6.65
CA TRP C 104 -5.00 -14.49 -7.18
C TRP C 104 -4.01 -14.21 -6.06
N ASN C 105 -2.76 -14.54 -6.29
CA ASN C 105 -1.72 -14.33 -5.29
C ASN C 105 -1.36 -12.87 -5.19
N SER C 106 -1.23 -12.37 -3.97
CA SER C 106 -0.98 -10.96 -3.70
C SER C 106 0.09 -10.80 -2.64
N ASN C 107 1.23 -11.49 -2.80
CA ASN C 107 2.26 -11.48 -1.78
C ASN C 107 3.02 -10.15 -1.78
N LYS C 108 3.08 -9.47 -2.92
CA LYS C 108 3.81 -8.21 -2.98
C LYS C 108 3.05 -7.10 -2.29
N LEU C 109 1.72 -7.14 -2.34
CA LEU C 109 0.92 -6.02 -1.86
C LEU C 109 0.74 -6.05 -0.35
N ASP C 110 0.38 -7.21 0.20
CA ASP C 110 -0.13 -7.29 1.56
C ASP C 110 0.78 -8.06 2.51
N SER C 111 2.09 -7.84 2.45
CA SER C 111 3.02 -8.57 3.30
C SER C 111 4.20 -7.69 3.69
N LYS C 112 4.41 -7.53 5.00
CA LYS C 112 5.52 -6.79 5.57
C LYS C 112 6.52 -7.77 6.18
N VAL C 113 7.74 -7.28 6.42
CA VAL C 113 8.70 -8.08 7.17
C VAL C 113 8.34 -8.07 8.66
N GLY C 114 7.66 -7.01 9.10
CA GLY C 114 6.97 -7.07 10.37
C GLY C 114 5.60 -7.72 10.19
N GLY C 115 4.92 -7.92 11.32
CA GLY C 115 3.60 -8.53 11.25
C GLY C 115 2.57 -7.56 10.72
N ASN C 116 1.96 -7.91 9.59
CA ASN C 116 0.84 -7.14 9.05
C ASN C 116 -0.44 -7.48 9.84
N TYR C 117 -0.57 -6.86 11.00
CA TYR C 117 -1.54 -7.30 11.98
C TYR C 117 -2.91 -6.67 11.79
N ASN C 118 -3.23 -6.23 10.58
CA ASN C 118 -4.55 -5.68 10.28
C ASN C 118 -5.56 -6.74 9.87
N TYR C 119 -5.18 -7.71 9.06
CA TYR C 119 -6.10 -8.70 8.53
C TYR C 119 -6.39 -9.73 9.61
N ARG C 120 -7.66 -9.83 10.01
CA ARG C 120 -8.06 -10.66 11.11
C ARG C 120 -9.25 -11.53 10.71
N TYR C 121 -9.41 -12.65 11.41
CA TYR C 121 -10.55 -13.52 11.21
C TYR C 121 -11.15 -13.89 12.54
N ARG C 122 -12.38 -14.37 12.50
CA ARG C 122 -13.06 -14.86 13.69
C ARG C 122 -12.77 -16.35 13.85
N LEU C 123 -12.39 -16.75 15.05
CA LEU C 123 -11.95 -18.12 15.31
C LEU C 123 -12.89 -18.91 16.21
N PHE C 124 -13.55 -18.25 17.15
CA PHE C 124 -14.47 -18.92 18.06
C PHE C 124 -15.83 -18.23 18.03
N ARG C 125 -16.89 -19.03 18.17
CA ARG C 125 -18.23 -18.49 18.05
C ARG C 125 -19.18 -19.45 18.77
N LYS C 126 -20.37 -18.93 19.10
CA LYS C 126 -21.41 -19.74 19.73
C LYS C 126 -21.89 -20.86 18.82
N SER C 127 -22.31 -20.52 17.60
CA SER C 127 -22.78 -21.48 16.62
C SER C 127 -22.23 -21.10 15.25
N ASN C 128 -22.62 -21.86 14.23
CA ASN C 128 -22.14 -21.61 12.88
C ASN C 128 -22.91 -20.47 12.23
N LEU C 129 -22.67 -20.28 10.94
CA LEU C 129 -23.28 -19.17 10.22
C LEU C 129 -24.31 -19.63 9.20
N LYS C 130 -25.28 -18.76 8.96
CA LYS C 130 -26.11 -18.80 7.77
C LYS C 130 -25.28 -18.40 6.56
N PRO C 131 -25.71 -18.75 5.35
CA PRO C 131 -25.03 -18.23 4.15
C PRO C 131 -25.21 -16.72 4.01
N PHE C 132 -24.17 -16.07 3.50
CA PHE C 132 -24.18 -14.65 3.11
C PHE C 132 -24.48 -13.71 4.28
N GLU C 133 -23.93 -14.04 5.44
CA GLU C 133 -24.13 -13.20 6.61
C GLU C 133 -22.85 -13.19 7.44
N ARG C 134 -22.46 -12.00 7.87
CA ARG C 134 -21.20 -11.78 8.56
C ARG C 134 -21.47 -11.36 9.99
N ASP C 135 -20.45 -11.50 10.84
CA ASP C 135 -20.52 -11.03 12.22
C ASP C 135 -19.35 -10.11 12.48
N ILE C 136 -19.63 -8.91 12.98
CA ILE C 136 -18.61 -7.92 13.25
C ILE C 136 -18.56 -7.60 14.75
N SER C 137 -19.49 -8.15 15.52
CA SER C 137 -19.53 -7.91 16.95
C SER C 137 -18.36 -8.59 17.65
N THR C 138 -17.79 -7.89 18.63
CA THR C 138 -16.53 -8.28 19.24
C THR C 138 -16.72 -8.67 20.70
N GLU C 139 -17.90 -9.19 21.03
CA GLU C 139 -18.18 -9.63 22.39
C GLU C 139 -17.37 -10.88 22.71
N ILE C 140 -16.98 -11.01 23.98
CA ILE C 140 -16.00 -12.03 24.37
C ILE C 140 -16.63 -13.41 24.32
N TYR C 141 -15.89 -14.37 23.78
CA TYR C 141 -16.35 -15.74 23.69
C TYR C 141 -16.20 -16.44 25.03
N GLN C 142 -17.30 -16.99 25.52
CA GLN C 142 -17.29 -17.81 26.73
C GLN C 142 -16.78 -19.19 26.38
N ALA C 143 -15.91 -19.74 27.23
CA ALA C 143 -15.35 -21.06 26.96
C ALA C 143 -16.35 -22.17 27.26
N GLY C 144 -17.47 -21.84 27.91
CA GLY C 144 -18.53 -22.79 28.17
C GLY C 144 -18.64 -23.22 29.61
N ASN C 145 -17.72 -22.79 30.48
CA ASN C 145 -17.74 -23.27 31.85
C ASN C 145 -18.39 -22.26 32.79
N LYS C 146 -17.87 -21.04 32.83
CA LYS C 146 -18.30 -20.05 33.81
C LYS C 146 -18.21 -18.67 33.16
N PRO C 147 -18.97 -17.68 33.66
CA PRO C 147 -18.89 -16.35 33.07
C PRO C 147 -17.59 -15.64 33.38
N CYS C 148 -17.15 -14.82 32.42
CA CYS C 148 -15.92 -14.04 32.54
C CYS C 148 -16.17 -12.59 32.89
N ASN C 149 -17.43 -12.12 32.74
CA ASN C 149 -17.83 -10.73 32.99
C ASN C 149 -17.03 -9.75 32.14
N GLY C 150 -16.80 -10.11 30.89
CA GLY C 150 -16.08 -9.24 29.97
C GLY C 150 -14.61 -9.08 30.28
N VAL C 151 -13.94 -10.17 30.67
CA VAL C 151 -12.52 -10.14 30.99
C VAL C 151 -11.81 -11.11 30.06
N ALA C 152 -10.84 -10.59 29.31
CA ALA C 152 -10.04 -11.46 28.45
C ALA C 152 -9.03 -12.25 29.29
N GLY C 153 -8.60 -13.38 28.75
CA GLY C 153 -7.60 -14.20 29.40
C GLY C 153 -8.14 -15.58 29.69
N VAL C 154 -7.95 -16.00 30.95
CA VAL C 154 -8.35 -17.35 31.36
C VAL C 154 -9.88 -17.42 31.46
N ASN C 155 -10.40 -18.66 31.40
CA ASN C 155 -11.81 -19.06 31.36
C ASN C 155 -12.54 -18.62 30.11
N CYS C 156 -11.86 -17.97 29.17
CA CYS C 156 -12.48 -17.43 27.97
C CYS C 156 -11.41 -17.36 26.89
N TYR C 157 -11.78 -16.73 25.78
CA TYR C 157 -10.82 -16.39 24.73
C TYR C 157 -11.33 -15.17 23.98
N PHE C 158 -10.40 -14.33 23.54
CA PHE C 158 -10.74 -13.25 22.64
C PHE C 158 -11.02 -13.83 21.26
N PRO C 159 -12.19 -13.55 20.70
CA PRO C 159 -12.70 -14.33 19.55
C PRO C 159 -11.99 -14.11 18.22
N LEU C 160 -11.16 -13.09 18.08
CA LEU C 160 -10.46 -12.83 16.84
C LEU C 160 -9.03 -13.34 16.93
N GLN C 161 -8.34 -13.32 15.79
CA GLN C 161 -6.97 -13.76 15.68
C GLN C 161 -6.33 -12.97 14.55
N SER C 162 -5.01 -12.86 14.54
CA SER C 162 -4.34 -12.06 13.53
C SER C 162 -3.54 -12.94 12.59
N TYR C 163 -3.34 -12.46 11.37
CA TYR C 163 -2.43 -13.08 10.44
C TYR C 163 -1.05 -12.47 10.57
N GLY C 164 -0.03 -13.22 10.16
CA GLY C 164 1.31 -12.69 10.11
C GLY C 164 1.63 -12.02 8.80
N PHE C 165 1.54 -12.79 7.72
CA PHE C 165 1.81 -12.37 6.33
C PHE C 165 3.22 -11.80 6.18
N ARG C 166 4.19 -12.66 6.44
CA ARG C 166 5.59 -12.37 6.23
C ARG C 166 6.08 -13.04 4.95
N PRO C 167 7.02 -12.42 4.24
CA PRO C 167 7.50 -13.03 2.99
C PRO C 167 8.38 -14.24 3.18
N THR C 168 8.83 -14.53 4.39
CA THR C 168 9.62 -15.71 4.68
C THR C 168 8.77 -16.92 5.03
N TYR C 169 7.46 -16.83 4.88
CA TYR C 169 6.59 -17.97 5.18
C TYR C 169 6.62 -19.01 4.07
N GLY C 170 6.28 -18.60 2.85
CA GLY C 170 6.11 -19.53 1.75
C GLY C 170 4.76 -19.37 1.08
N VAL C 171 4.48 -20.31 0.18
CA VAL C 171 3.30 -20.19 -0.66
C VAL C 171 2.03 -20.59 0.08
N GLY C 172 2.19 -21.25 1.23
CA GLY C 172 1.01 -21.72 1.94
C GLY C 172 0.44 -20.70 2.90
N HIS C 173 1.20 -19.65 3.19
CA HIS C 173 0.82 -18.69 4.22
C HIS C 173 0.82 -17.24 3.76
N GLN C 174 1.34 -16.95 2.56
CA GLN C 174 1.31 -15.59 2.06
C GLN C 174 -0.11 -15.26 1.58
N PRO C 175 -0.54 -13.99 1.69
CA PRO C 175 -1.97 -13.70 1.55
C PRO C 175 -2.45 -13.76 0.11
N TYR C 176 -3.69 -14.25 -0.05
CA TYR C 176 -4.39 -14.28 -1.33
C TYR C 176 -5.63 -13.42 -1.22
N ARG C 177 -5.85 -12.56 -2.20
CA ARG C 177 -7.07 -11.78 -2.25
C ARG C 177 -8.13 -12.55 -3.01
N VAL C 178 -9.38 -12.44 -2.56
CA VAL C 178 -10.47 -13.25 -3.08
C VAL C 178 -11.63 -12.34 -3.44
N VAL C 179 -12.09 -12.42 -4.70
CA VAL C 179 -13.27 -11.71 -5.16
C VAL C 179 -14.28 -12.75 -5.63
N VAL C 180 -15.46 -12.75 -5.03
CA VAL C 180 -16.49 -13.74 -5.35
C VAL C 180 -17.75 -13.03 -5.82
N LEU C 181 -18.03 -13.16 -7.11
CA LEU C 181 -19.23 -12.61 -7.73
C LEU C 181 -20.39 -13.56 -7.47
N SER C 182 -21.57 -13.00 -7.24
CA SER C 182 -22.76 -13.79 -6.91
C SER C 182 -23.91 -13.40 -7.85
N PHE C 183 -24.06 -14.14 -8.94
CA PHE C 183 -25.19 -13.92 -9.85
C PHE C 183 -26.43 -14.57 -9.28
N GLU C 184 -27.54 -13.84 -9.24
CA GLU C 184 -28.85 -14.46 -8.99
C GLU C 184 -29.59 -14.55 -10.32
N LEU C 185 -29.18 -15.53 -11.12
CA LEU C 185 -29.46 -15.59 -12.54
C LEU C 185 -30.90 -16.06 -12.81
N LEU C 186 -31.43 -15.63 -13.97
CA LEU C 186 -32.79 -15.93 -14.46
C LEU C 186 -33.88 -15.49 -13.48
N HIS C 187 -33.98 -14.17 -13.34
CA HIS C 187 -35.16 -13.52 -12.79
C HIS C 187 -35.69 -12.54 -13.83
N ALA C 188 -36.66 -11.71 -13.42
CA ALA C 188 -37.47 -10.98 -14.39
C ALA C 188 -36.76 -9.81 -15.07
N PRO C 189 -36.24 -8.76 -14.34
CA PRO C 189 -35.88 -7.52 -15.06
C PRO C 189 -34.62 -7.60 -15.90
N ALA C 190 -33.58 -8.27 -15.38
CA ALA C 190 -32.32 -8.59 -16.09
C ALA C 190 -31.62 -7.33 -16.59
N THR C 191 -31.18 -6.52 -15.63
CA THR C 191 -30.67 -5.20 -15.95
C THR C 191 -29.23 -5.24 -16.46
N VAL C 192 -28.47 -6.27 -16.12
CA VAL C 192 -27.07 -6.36 -16.53
C VAL C 192 -26.96 -7.27 -17.74
N CYS C 193 -26.25 -6.82 -18.77
CA CYS C 193 -26.01 -7.61 -19.97
C CYS C 193 -24.59 -7.36 -20.46
N GLY C 194 -24.31 -7.81 -21.68
CA GLY C 194 -22.98 -7.68 -22.26
C GLY C 194 -22.90 -6.76 -23.47
#